data_6KP6
#
_entry.id   6KP6
#
_cell.length_a   56.100
_cell.length_b   61.320
_cell.length_c   203.740
_cell.angle_alpha   90.000
_cell.angle_beta   90.000
_cell.angle_gamma   90.000
#
_symmetry.space_group_name_H-M   'P 21 21 21'
#
_entity_poly.entity_id   1
_entity_poly.type   'polypeptide(L)'
_entity_poly.pdbx_seq_one_letter_code
;SSHNRYETVEMVFIATVTGSLSLVTVVGNILVMLSIKVNRQLQTVNNYFLFSLACADLIIGAFSMNLYTVYTIKGYWPLG
AVVCDLWLALDYVVSNASVMNLLIISFDRYFCVTKPLTYPARRTTKMAALMIAAAWVLSFVLWAPAILFWQFVVGKRTVP
DNQCFAQFLSNPAVTFGTAIAAFYLPVVIMTVLYIHIYLASRSRVHGIDCSFWNESYLTGSRDERKKSLLSKFGMDEGVT
FMFIGRFDRGQKGVDVLLKAIEILSSKKEFQEMRFIIIGKGDPELEGWARSLEEKHGNVKVITEMLSREFVRELYGSVDF
VIIPSYFEPFGLVALEAMCLGAIPIASAVGGLRDIITNETGILVKAGDPGELANAILKALELSRSDLSKFRENCKKRAMS
FSQMAARERKVTRTIFAILLAFILTWTPYNVMVLVNTFCQSCIPDTVWSIGYWLCYVNSTIRPACYALCNAEFKKTFRHL
LLCQYRNIGTAR
;
_entity_poly.pdbx_strand_id   A
#
# COMPACT_ATOMS: atom_id res chain seq x y z
N THR A 8 4.18 -4.54 -50.53
CA THR A 8 4.46 -5.17 -49.24
C THR A 8 5.10 -4.15 -48.25
N VAL A 9 4.75 -2.86 -48.39
CA VAL A 9 5.24 -1.77 -47.54
C VAL A 9 4.61 -1.88 -46.13
N GLU A 10 3.43 -2.53 -46.03
CA GLU A 10 2.68 -2.77 -44.79
C GLU A 10 3.44 -3.72 -43.85
N MET A 11 4.21 -4.68 -44.43
CA MET A 11 5.04 -5.66 -43.71
C MET A 11 6.05 -4.97 -42.77
N VAL A 12 6.67 -3.87 -43.25
CA VAL A 12 7.64 -3.05 -42.51
C VAL A 12 6.91 -2.32 -41.37
N PHE A 13 5.65 -1.88 -41.62
CA PHE A 13 4.82 -1.18 -40.64
C PHE A 13 4.44 -2.06 -39.44
N ILE A 14 3.89 -3.28 -39.69
CA ILE A 14 3.47 -4.22 -38.64
C ILE A 14 4.67 -4.70 -37.80
N ALA A 15 5.81 -5.00 -38.46
CA ALA A 15 7.05 -5.46 -37.82
C ALA A 15 7.64 -4.41 -36.87
N THR A 16 7.50 -3.11 -37.19
CA THR A 16 8.02 -2.04 -36.32
C THR A 16 7.06 -1.77 -35.17
N VAL A 17 5.73 -1.73 -35.43
CA VAL A 17 4.69 -1.51 -34.42
C VAL A 17 4.79 -2.60 -33.34
N THR A 18 4.89 -3.87 -33.75
CA THR A 18 5.01 -5.02 -32.85
C THR A 18 6.42 -5.15 -32.27
N GLY A 19 7.44 -4.83 -33.09
CA GLY A 19 8.84 -4.85 -32.70
C GLY A 19 9.13 -3.89 -31.57
N SER A 20 8.53 -2.68 -31.64
CA SER A 20 8.65 -1.64 -30.62
C SER A 20 7.82 -2.03 -29.39
N LEU A 21 6.73 -2.80 -29.59
CA LEU A 21 5.88 -3.31 -28.52
C LEU A 21 6.65 -4.37 -27.73
N SER A 22 7.44 -5.20 -28.44
CA SER A 22 8.32 -6.22 -27.87
C SER A 22 9.40 -5.53 -27.03
N LEU A 23 9.98 -4.43 -27.56
CA LEU A 23 11.02 -3.62 -26.91
C LEU A 23 10.50 -3.01 -25.61
N VAL A 24 9.27 -2.45 -25.63
CA VAL A 24 8.62 -1.84 -24.47
C VAL A 24 8.49 -2.85 -23.31
N THR A 25 8.05 -4.08 -23.63
CA THR A 25 7.88 -5.18 -22.66
C THR A 25 9.21 -5.60 -22.06
N VAL A 26 10.26 -5.70 -22.89
CA VAL A 26 11.61 -6.08 -22.45
C VAL A 26 12.18 -4.99 -21.51
N VAL A 27 12.12 -3.71 -21.94
CA VAL A 27 12.59 -2.54 -21.18
C VAL A 27 11.83 -2.43 -19.83
N GLY A 28 10.50 -2.41 -19.92
CA GLY A 28 9.58 -2.28 -18.79
C GLY A 28 9.75 -3.31 -17.71
N ASN A 29 9.87 -4.59 -18.09
CA ASN A 29 10.03 -5.67 -17.10
C ASN A 29 11.46 -5.79 -16.56
N ILE A 30 12.49 -5.41 -17.36
CA ILE A 30 13.88 -5.40 -16.87
C ILE A 30 13.98 -4.33 -15.76
N LEU A 31 13.36 -3.15 -15.98
CA LEU A 31 13.31 -2.05 -15.03
C LEU A 31 12.56 -2.43 -13.75
N VAL A 32 11.48 -3.27 -13.87
CA VAL A 32 10.71 -3.76 -12.71
C VAL A 32 11.64 -4.67 -11.90
N MET A 33 12.28 -5.65 -12.58
CA MET A 33 13.20 -6.62 -12.00
C MET A 33 14.38 -5.94 -11.30
N LEU A 34 15.08 -5.03 -12.02
CA LEU A 34 16.23 -4.29 -11.51
C LEU A 34 15.91 -3.41 -10.31
N SER A 35 14.77 -2.70 -10.34
CA SER A 35 14.33 -1.84 -9.23
C SER A 35 14.05 -2.63 -7.94
N ILE A 36 13.41 -3.81 -8.04
CA ILE A 36 13.13 -4.68 -6.89
C ILE A 36 14.45 -5.08 -6.22
N LYS A 37 15.44 -5.50 -7.02
CA LYS A 37 16.76 -5.93 -6.54
C LYS A 37 17.65 -4.77 -6.03
N VAL A 38 17.62 -3.60 -6.71
CA VAL A 38 18.44 -2.44 -6.36
C VAL A 38 17.82 -1.64 -5.17
N ASN A 39 16.56 -1.18 -5.31
CA ASN A 39 15.86 -0.38 -4.29
C ASN A 39 15.51 -1.24 -3.06
N ARG A 40 16.12 -0.90 -1.90
CA ARG A 40 15.92 -1.59 -0.63
C ARG A 40 14.49 -1.48 -0.08
N GLN A 41 13.76 -0.43 -0.50
CA GLN A 41 12.37 -0.16 -0.12
C GLN A 41 11.37 -1.05 -0.87
N LEU A 42 11.80 -1.64 -2.00
CA LEU A 42 10.97 -2.52 -2.82
C LEU A 42 11.40 -4.00 -2.66
N GLN A 43 11.79 -4.39 -1.44
CA GLN A 43 12.23 -5.76 -1.15
C GLN A 43 11.27 -6.52 -0.22
N THR A 44 9.97 -6.18 -0.27
CA THR A 44 8.93 -6.81 0.56
C THR A 44 8.37 -8.09 -0.09
N VAL A 45 7.70 -8.93 0.74
CA VAL A 45 7.08 -10.23 0.41
C VAL A 45 6.23 -10.17 -0.87
N ASN A 46 5.49 -9.06 -1.08
CA ASN A 46 4.65 -8.88 -2.27
C ASN A 46 5.46 -8.77 -3.56
N ASN A 47 6.53 -7.96 -3.54
CA ASN A 47 7.42 -7.72 -4.68
C ASN A 47 8.19 -8.96 -5.15
N TYR A 48 8.22 -10.03 -4.31
CA TYR A 48 8.83 -11.32 -4.64
C TYR A 48 7.99 -11.99 -5.73
N PHE A 49 6.64 -11.84 -5.62
CA PHE A 49 5.65 -12.34 -6.57
C PHE A 49 5.59 -11.45 -7.79
N LEU A 50 5.79 -10.13 -7.61
CA LEU A 50 5.81 -9.17 -8.72
C LEU A 50 7.08 -9.34 -9.58
N PHE A 51 8.15 -9.89 -8.97
CA PHE A 51 9.41 -10.18 -9.65
C PHE A 51 9.20 -11.33 -10.66
N SER A 52 8.55 -12.44 -10.23
CA SER A 52 8.28 -13.60 -11.08
C SER A 52 7.32 -13.28 -12.23
N LEU A 53 6.41 -12.30 -12.03
CA LEU A 53 5.49 -11.83 -13.07
C LEU A 53 6.31 -11.13 -14.14
N ALA A 54 7.27 -10.27 -13.72
CA ALA A 54 8.19 -9.55 -14.59
C ALA A 54 9.16 -10.51 -15.28
N CYS A 55 9.53 -11.62 -14.59
CA CYS A 55 10.40 -12.67 -15.14
C CYS A 55 9.70 -13.34 -16.31
N ALA A 56 8.44 -13.76 -16.09
CA ALA A 56 7.59 -14.39 -17.10
C ALA A 56 7.27 -13.41 -18.24
N ASP A 57 6.99 -12.13 -17.90
CA ASP A 57 6.66 -11.11 -18.90
C ASP A 57 7.86 -10.71 -19.77
N LEU A 58 9.09 -10.87 -19.24
CA LEU A 58 10.33 -10.61 -19.97
C LEU A 58 10.48 -11.68 -21.06
N ILE A 59 10.19 -12.94 -20.70
CA ILE A 59 10.21 -14.11 -21.58
C ILE A 59 9.19 -13.90 -22.72
N ILE A 60 7.97 -13.44 -22.36
CA ILE A 60 6.89 -13.15 -23.31
C ILE A 60 7.29 -12.06 -24.29
N GLY A 61 7.81 -10.95 -23.76
CA GLY A 61 8.25 -9.80 -24.55
C GLY A 61 9.42 -10.08 -25.48
N ALA A 62 10.41 -10.86 -24.99
CA ALA A 62 11.62 -11.19 -25.77
C ALA A 62 11.45 -12.35 -26.75
N PHE A 63 10.81 -13.45 -26.32
CA PHE A 63 10.68 -14.62 -27.17
C PHE A 63 9.32 -14.71 -27.85
N SER A 64 8.26 -15.02 -27.09
CA SER A 64 6.87 -15.20 -27.53
C SER A 64 6.36 -14.17 -28.54
N MET A 65 6.64 -12.87 -28.31
CA MET A 65 6.19 -11.76 -29.17
C MET A 65 6.90 -11.73 -30.50
N ASN A 66 8.24 -11.88 -30.50
CA ASN A 66 9.07 -11.88 -31.71
C ASN A 66 8.73 -13.08 -32.62
N LEU A 67 8.45 -14.25 -32.01
CA LEU A 67 8.08 -15.45 -32.76
C LEU A 67 6.69 -15.29 -33.35
N TYR A 68 5.76 -14.64 -32.61
CA TYR A 68 4.40 -14.42 -33.11
C TYR A 68 4.38 -13.33 -34.19
N THR A 69 5.39 -12.43 -34.19
CA THR A 69 5.56 -11.38 -35.21
C THR A 69 5.90 -12.08 -36.54
N VAL A 70 6.71 -13.15 -36.48
CA VAL A 70 7.09 -13.98 -37.64
C VAL A 70 5.83 -14.61 -38.25
N TYR A 71 5.04 -15.35 -37.42
CA TYR A 71 3.79 -16.05 -37.78
C TYR A 71 2.82 -15.14 -38.53
N THR A 72 2.60 -13.90 -38.03
CA THR A 72 1.70 -12.91 -38.62
C THR A 72 2.23 -12.37 -39.95
N ILE A 73 3.50 -11.90 -39.97
CA ILE A 73 4.17 -11.34 -41.15
C ILE A 73 4.28 -12.39 -42.29
N LYS A 74 4.61 -13.64 -41.96
CA LYS A 74 4.72 -14.74 -42.94
C LYS A 74 3.35 -15.26 -43.37
N GLY A 75 2.40 -15.29 -42.45
CA GLY A 75 1.06 -15.81 -42.69
C GLY A 75 0.91 -17.26 -42.27
N TYR A 76 2.05 -17.94 -42.06
CA TYR A 76 2.16 -19.34 -41.63
C TYR A 76 3.32 -19.53 -40.63
N TRP A 77 3.52 -20.76 -40.12
CA TRP A 77 4.61 -21.10 -39.21
C TRP A 77 5.79 -21.67 -40.01
N PRO A 78 6.91 -20.91 -40.16
CA PRO A 78 8.01 -21.39 -41.00
C PRO A 78 9.22 -22.03 -40.30
N LEU A 79 9.25 -22.07 -38.95
CA LEU A 79 10.40 -22.55 -38.18
C LEU A 79 10.38 -24.04 -37.77
N GLY A 80 9.46 -24.83 -38.32
CA GLY A 80 9.38 -26.27 -38.05
C GLY A 80 8.83 -26.69 -36.70
N ALA A 81 8.57 -28.01 -36.56
CA ALA A 81 8.00 -28.70 -35.40
C ALA A 81 8.81 -28.60 -34.09
N VAL A 82 10.15 -28.66 -34.18
CA VAL A 82 11.03 -28.58 -32.99
C VAL A 82 10.88 -27.24 -32.28
N VAL A 83 11.05 -26.13 -33.02
CA VAL A 83 10.92 -24.76 -32.52
C VAL A 83 9.48 -24.52 -32.04
N CYS A 84 8.48 -25.11 -32.74
CA CYS A 84 7.07 -25.00 -32.40
C CYS A 84 6.77 -25.53 -31.01
N ASP A 85 7.16 -26.80 -30.73
CA ASP A 85 6.95 -27.45 -29.43
C ASP A 85 7.64 -26.70 -28.28
N LEU A 86 8.85 -26.16 -28.54
CA LEU A 86 9.62 -25.39 -27.57
C LEU A 86 8.95 -24.02 -27.35
N TRP A 87 8.32 -23.45 -28.40
CA TRP A 87 7.61 -22.19 -28.26
C TRP A 87 6.28 -22.41 -27.52
N LEU A 88 5.58 -23.51 -27.81
CA LEU A 88 4.31 -23.85 -27.15
C LEU A 88 4.51 -24.13 -25.67
N ALA A 89 5.46 -25.01 -25.32
CA ALA A 89 5.75 -25.34 -23.92
C ALA A 89 6.17 -24.11 -23.13
N LEU A 90 7.10 -23.29 -23.67
CA LEU A 90 7.58 -22.07 -23.00
C LEU A 90 6.39 -21.16 -22.66
N ASP A 91 5.63 -20.76 -23.68
CA ASP A 91 4.43 -19.91 -23.58
C ASP A 91 3.38 -20.49 -22.63
N TYR A 92 3.07 -21.80 -22.74
CA TYR A 92 2.06 -22.44 -21.88
C TYR A 92 2.46 -22.55 -20.40
N VAL A 93 3.76 -22.62 -20.10
CA VAL A 93 4.24 -22.72 -18.71
C VAL A 93 4.31 -21.33 -18.07
N VAL A 94 5.02 -20.38 -18.73
CA VAL A 94 5.20 -19.01 -18.22
C VAL A 94 3.85 -18.31 -18.01
N SER A 95 2.91 -18.39 -18.98
CA SER A 95 1.58 -17.76 -18.88
C SER A 95 0.74 -18.34 -17.75
N ASN A 96 0.82 -19.66 -17.54
CA ASN A 96 0.09 -20.33 -16.48
C ASN A 96 0.70 -20.13 -15.09
N ALA A 97 2.03 -19.87 -15.04
CA ALA A 97 2.73 -19.60 -13.78
C ALA A 97 2.27 -18.22 -13.30
N SER A 98 2.07 -17.26 -14.24
CA SER A 98 1.59 -15.91 -13.96
C SER A 98 0.16 -15.91 -13.42
N VAL A 99 -0.69 -16.84 -13.90
CA VAL A 99 -2.08 -17.00 -13.47
C VAL A 99 -2.07 -17.51 -12.03
N MET A 100 -1.23 -18.53 -11.74
CA MET A 100 -1.07 -19.12 -10.42
C MET A 100 -0.50 -18.09 -9.43
N ASN A 101 0.54 -17.33 -9.84
CA ASN A 101 1.12 -16.28 -9.00
C ASN A 101 0.07 -15.24 -8.62
N LEU A 102 -0.76 -14.81 -9.59
CA LEU A 102 -1.87 -13.87 -9.37
C LEU A 102 -2.90 -14.43 -8.38
N LEU A 103 -3.11 -15.75 -8.39
CA LEU A 103 -4.04 -16.42 -7.49
C LEU A 103 -3.51 -16.41 -6.02
N ILE A 104 -2.19 -16.69 -5.83
CA ILE A 104 -1.54 -16.69 -4.51
C ILE A 104 -1.57 -15.27 -3.90
N ILE A 105 -1.18 -14.28 -4.73
CA ILE A 105 -1.12 -12.86 -4.44
C ILE A 105 -2.48 -12.31 -3.94
N SER A 106 -3.61 -12.81 -4.52
CA SER A 106 -4.97 -12.40 -4.17
C SER A 106 -5.40 -12.98 -2.84
N PHE A 107 -5.12 -14.29 -2.59
CA PHE A 107 -5.44 -14.96 -1.32
C PHE A 107 -4.63 -14.28 -0.22
N ASP A 108 -3.35 -13.94 -0.52
CA ASP A 108 -2.45 -13.22 0.36
C ASP A 108 -3.09 -11.90 0.79
N ARG A 109 -3.61 -11.11 -0.18
CA ARG A 109 -4.29 -9.83 0.09
C ARG A 109 -5.60 -10.04 0.84
N TYR A 110 -6.31 -11.14 0.55
CA TYR A 110 -7.56 -11.51 1.20
C TYR A 110 -7.32 -11.74 2.69
N PHE A 111 -6.38 -12.65 3.03
CA PHE A 111 -6.01 -12.99 4.41
C PHE A 111 -5.44 -11.80 5.18
N CYS A 112 -4.67 -10.93 4.49
CA CYS A 112 -4.07 -9.71 5.04
C CYS A 112 -5.16 -8.82 5.65
N VAL A 113 -6.29 -8.68 4.93
CA VAL A 113 -7.45 -7.85 5.26
C VAL A 113 -8.46 -8.57 6.19
N THR A 114 -8.67 -9.89 6.01
CA THR A 114 -9.64 -10.66 6.81
C THR A 114 -9.09 -11.11 8.18
N LYS A 115 -7.77 -11.37 8.27
CA LYS A 115 -7.08 -11.73 9.52
C LYS A 115 -5.96 -10.68 9.76
N PRO A 116 -6.28 -9.40 10.11
CA PRO A 116 -5.19 -8.40 10.24
C PRO A 116 -4.36 -8.48 11.51
N LEU A 117 -4.79 -9.27 12.50
CA LEU A 117 -4.06 -9.41 13.77
C LEU A 117 -3.40 -10.78 13.92
N THR A 118 -3.49 -11.65 12.89
CA THR A 118 -2.94 -13.00 12.90
C THR A 118 -2.04 -13.29 11.68
N TYR A 119 -2.57 -13.06 10.46
CA TYR A 119 -1.88 -13.36 9.21
C TYR A 119 -0.63 -12.47 8.91
N PRO A 120 -0.62 -11.11 9.02
CA PRO A 120 0.60 -10.34 8.64
C PRO A 120 1.88 -10.73 9.37
N ALA A 121 1.76 -11.29 10.58
CA ALA A 121 2.88 -11.76 11.39
C ALA A 121 3.40 -13.09 10.80
N ARG A 122 2.47 -13.96 10.34
CA ARG A 122 2.77 -15.26 9.74
C ARG A 122 3.41 -15.14 8.33
N ARG A 123 3.30 -13.96 7.69
CA ARG A 123 3.86 -13.64 6.37
C ARG A 123 5.40 -13.63 6.43
N THR A 124 6.05 -14.49 5.63
CA THR A 124 7.52 -14.59 5.58
C THR A 124 8.07 -14.56 4.16
N THR A 125 9.31 -14.03 4.01
CA THR A 125 10.05 -13.94 2.75
C THR A 125 10.41 -15.34 2.20
N LYS A 126 10.67 -16.32 3.09
CA LYS A 126 10.98 -17.71 2.74
C LYS A 126 9.72 -18.43 2.21
N MET A 127 8.54 -18.09 2.76
CA MET A 127 7.25 -18.65 2.35
C MET A 127 6.88 -18.21 0.93
N ALA A 128 7.16 -16.93 0.59
CA ALA A 128 6.92 -16.34 -0.73
C ALA A 128 7.67 -17.14 -1.81
N ALA A 129 9.00 -17.33 -1.62
CA ALA A 129 9.89 -18.09 -2.50
C ALA A 129 9.41 -19.53 -2.70
N LEU A 130 8.92 -20.17 -1.62
CA LEU A 130 8.38 -21.53 -1.66
C LEU A 130 7.08 -21.55 -2.48
N MET A 131 6.27 -20.48 -2.39
CA MET A 131 5.03 -20.38 -3.14
C MET A 131 5.29 -20.12 -4.63
N ILE A 132 6.23 -19.19 -4.94
CA ILE A 132 6.61 -18.86 -6.32
C ILE A 132 7.14 -20.11 -7.04
N ALA A 133 8.09 -20.82 -6.41
CA ALA A 133 8.65 -22.07 -6.94
C ALA A 133 7.55 -23.09 -7.18
N ALA A 134 6.64 -23.27 -6.18
CA ALA A 134 5.51 -24.20 -6.27
C ALA A 134 4.64 -23.91 -7.48
N ALA A 135 4.36 -22.61 -7.78
CA ALA A 135 3.56 -22.18 -8.93
C ALA A 135 4.24 -22.57 -10.26
N TRP A 136 5.52 -22.17 -10.42
CA TRP A 136 6.36 -22.43 -11.59
C TRP A 136 6.55 -23.93 -11.86
N VAL A 137 6.83 -24.71 -10.79
CA VAL A 137 7.02 -26.16 -10.88
C VAL A 137 5.69 -26.84 -11.25
N LEU A 138 4.59 -26.51 -10.53
CA LEU A 138 3.26 -27.07 -10.79
C LEU A 138 2.83 -26.84 -12.26
N SER A 139 3.05 -25.60 -12.77
CA SER A 139 2.74 -25.20 -14.15
C SER A 139 3.54 -26.06 -15.16
N PHE A 140 4.85 -26.24 -14.92
CA PHE A 140 5.75 -27.03 -15.76
C PHE A 140 5.33 -28.51 -15.77
N VAL A 141 5.03 -29.08 -14.59
CA VAL A 141 4.60 -30.48 -14.43
C VAL A 141 3.23 -30.70 -15.12
N LEU A 142 2.37 -29.64 -15.17
CA LEU A 142 1.04 -29.69 -15.78
C LEU A 142 0.98 -29.42 -17.28
N TRP A 143 1.84 -28.52 -17.80
CA TRP A 143 1.78 -28.17 -19.23
C TRP A 143 2.84 -28.82 -20.10
N ALA A 144 4.15 -28.74 -19.71
CA ALA A 144 5.24 -29.33 -20.51
C ALA A 144 4.98 -30.80 -20.97
N PRO A 145 4.62 -31.78 -20.08
CA PRO A 145 4.32 -33.13 -20.58
C PRO A 145 3.15 -33.16 -21.56
N ALA A 146 2.05 -32.45 -21.26
CA ALA A 146 0.87 -32.37 -22.12
C ALA A 146 1.18 -31.78 -23.50
N ILE A 147 2.08 -30.76 -23.57
CA ILE A 147 2.49 -30.11 -24.81
C ILE A 147 3.43 -31.01 -25.62
N LEU A 148 4.53 -31.48 -25.00
CA LEU A 148 5.59 -32.26 -25.63
C LEU A 148 5.30 -33.75 -25.89
N PHE A 149 4.64 -34.44 -24.94
CA PHE A 149 4.40 -35.89 -25.04
C PHE A 149 3.03 -36.31 -25.60
N TRP A 150 2.11 -35.36 -25.91
CA TRP A 150 0.80 -35.75 -26.47
C TRP A 150 0.96 -36.53 -27.77
N GLN A 151 1.88 -36.06 -28.66
CA GLN A 151 2.19 -36.70 -29.94
C GLN A 151 2.84 -38.07 -29.76
N PHE A 152 3.64 -38.25 -28.68
CA PHE A 152 4.31 -39.49 -28.33
C PHE A 152 3.30 -40.56 -27.92
N VAL A 153 2.39 -40.21 -26.98
CA VAL A 153 1.33 -41.09 -26.47
C VAL A 153 0.41 -41.54 -27.62
N VAL A 154 -0.12 -40.58 -28.40
CA VAL A 154 -0.98 -40.85 -29.56
C VAL A 154 -0.23 -41.70 -30.61
N GLY A 155 1.02 -41.33 -30.88
CA GLY A 155 1.88 -42.02 -31.82
C GLY A 155 1.98 -41.35 -33.17
N LYS A 156 1.46 -40.11 -33.27
CA LYS A 156 1.45 -39.31 -34.50
C LYS A 156 1.30 -37.83 -34.22
N ARG A 157 1.91 -36.98 -35.05
CA ARG A 157 1.80 -35.54 -34.94
C ARG A 157 0.68 -35.09 -35.91
N THR A 158 -0.44 -34.59 -35.34
CA THR A 158 -1.60 -34.14 -36.11
C THR A 158 -1.46 -32.68 -36.56
N VAL A 159 -0.50 -31.93 -35.98
CA VAL A 159 -0.26 -30.52 -36.28
C VAL A 159 0.31 -30.35 -37.71
N PRO A 160 -0.37 -29.57 -38.59
CA PRO A 160 0.16 -29.36 -39.95
C PRO A 160 1.47 -28.58 -39.96
N ASP A 161 2.40 -28.95 -40.87
CA ASP A 161 3.73 -28.34 -41.03
C ASP A 161 3.74 -26.81 -41.14
N ASN A 162 2.61 -26.21 -41.57
CA ASN A 162 2.46 -24.76 -41.75
C ASN A 162 1.82 -24.04 -40.54
N GLN A 163 1.43 -24.80 -39.49
CA GLN A 163 0.81 -24.24 -38.28
C GLN A 163 1.54 -24.61 -37.00
N CYS A 164 1.34 -23.79 -35.95
CA CYS A 164 1.92 -24.05 -34.64
C CYS A 164 0.89 -23.90 -33.54
N PHE A 165 0.39 -25.05 -33.05
CA PHE A 165 -0.60 -25.11 -31.98
C PHE A 165 -0.44 -26.38 -31.15
N ALA A 166 -0.92 -26.36 -29.90
CA ALA A 166 -0.88 -27.49 -28.99
C ALA A 166 -1.82 -28.61 -29.47
N GLN A 167 -1.30 -29.85 -29.58
CA GLN A 167 -2.05 -31.02 -30.07
C GLN A 167 -3.31 -31.34 -29.25
N PHE A 168 -3.32 -31.00 -27.93
CA PHE A 168 -4.48 -31.23 -27.05
C PHE A 168 -5.68 -30.35 -27.45
N LEU A 169 -5.42 -29.12 -27.99
CA LEU A 169 -6.41 -28.10 -28.40
C LEU A 169 -7.37 -28.63 -29.48
N SER A 170 -6.93 -29.65 -30.24
CA SER A 170 -7.73 -30.31 -31.29
C SER A 170 -9.00 -30.88 -30.64
N ASN A 171 -8.86 -31.53 -29.46
CA ASN A 171 -9.97 -32.07 -28.68
C ASN A 171 -10.70 -30.85 -28.05
N PRO A 172 -11.96 -30.53 -28.48
CA PRO A 172 -12.64 -29.35 -27.92
C PRO A 172 -13.00 -29.44 -26.44
N ALA A 173 -13.19 -30.67 -25.92
CA ALA A 173 -13.52 -30.96 -24.53
C ALA A 173 -12.32 -30.67 -23.61
N VAL A 174 -11.09 -30.86 -24.13
CA VAL A 174 -9.86 -30.58 -23.39
C VAL A 174 -9.61 -29.06 -23.43
N THR A 175 -9.89 -28.40 -24.59
CA THR A 175 -9.74 -26.96 -24.82
C THR A 175 -10.53 -26.11 -23.81
N PHE A 176 -11.83 -26.42 -23.63
CA PHE A 176 -12.67 -25.69 -22.68
C PHE A 176 -12.40 -26.13 -21.25
N GLY A 177 -12.07 -27.41 -21.06
CA GLY A 177 -11.72 -28.00 -19.78
C GLY A 177 -10.44 -27.44 -19.18
N THR A 178 -9.60 -26.82 -20.03
CA THR A 178 -8.35 -26.16 -19.65
C THR A 178 -8.58 -24.67 -19.47
N ALA A 179 -9.52 -24.07 -20.25
CA ALA A 179 -9.87 -22.64 -20.13
C ALA A 179 -10.60 -22.42 -18.80
N ILE A 180 -11.33 -23.44 -18.30
CA ILE A 180 -12.02 -23.38 -17.02
C ILE A 180 -10.96 -23.36 -15.92
N ALA A 181 -10.07 -24.38 -15.89
CA ALA A 181 -9.01 -24.52 -14.90
C ALA A 181 -7.90 -23.44 -14.96
N ALA A 182 -7.61 -22.88 -16.14
CA ALA A 182 -6.54 -21.88 -16.27
C ALA A 182 -7.02 -20.43 -16.40
N PHE A 183 -8.33 -20.20 -16.62
CA PHE A 183 -8.82 -18.82 -16.74
C PHE A 183 -10.12 -18.56 -15.99
N TYR A 184 -11.24 -19.18 -16.42
CA TYR A 184 -12.57 -18.96 -15.85
C TYR A 184 -12.64 -19.17 -14.34
N LEU A 185 -12.34 -20.39 -13.84
CA LEU A 185 -12.31 -20.71 -12.41
C LEU A 185 -11.31 -19.78 -11.67
N PRO A 186 -10.02 -19.59 -12.12
CA PRO A 186 -9.13 -18.64 -11.44
C PRO A 186 -9.63 -17.18 -11.41
N VAL A 187 -10.42 -16.75 -12.43
CA VAL A 187 -10.97 -15.39 -12.47
C VAL A 187 -12.11 -15.26 -11.47
N VAL A 188 -13.05 -16.24 -11.45
CA VAL A 188 -14.19 -16.25 -10.51
C VAL A 188 -13.67 -16.19 -9.07
N ILE A 189 -12.65 -17.02 -8.73
CA ILE A 189 -12.01 -17.04 -7.39
C ILE A 189 -11.46 -15.65 -7.06
N MET A 190 -10.66 -15.07 -7.98
CA MET A 190 -10.09 -13.73 -7.77
C MET A 190 -11.12 -12.61 -7.73
N THR A 191 -12.33 -12.84 -8.32
CA THR A 191 -13.43 -11.86 -8.30
C THR A 191 -14.07 -11.84 -6.91
N VAL A 192 -14.53 -13.01 -6.42
CA VAL A 192 -15.18 -13.16 -5.11
C VAL A 192 -14.19 -12.78 -3.96
N LEU A 193 -12.88 -13.09 -4.11
CA LEU A 193 -11.87 -12.71 -3.11
C LEU A 193 -11.80 -11.18 -3.00
N TYR A 194 -11.93 -10.48 -4.15
CA TYR A 194 -11.87 -9.02 -4.18
C TYR A 194 -13.14 -8.35 -3.71
N ILE A 195 -14.33 -8.98 -3.96
CA ILE A 195 -15.61 -8.44 -3.45
C ILE A 195 -15.48 -8.37 -1.92
N HIS A 196 -14.98 -9.48 -1.30
CA HIS A 196 -14.77 -9.58 0.15
C HIS A 196 -13.76 -8.58 0.67
N ILE A 197 -12.67 -8.34 -0.09
CA ILE A 197 -11.64 -7.35 0.28
C ILE A 197 -12.30 -5.98 0.39
N TYR A 198 -13.09 -5.59 -0.64
CA TYR A 198 -13.81 -4.32 -0.72
C TYR A 198 -14.76 -4.13 0.46
N LEU A 199 -15.49 -5.20 0.82
CA LEU A 199 -16.46 -5.21 1.93
C LEU A 199 -15.78 -4.94 3.28
N ALA A 200 -14.63 -5.58 3.52
CA ALA A 200 -13.85 -5.41 4.75
C ALA A 200 -13.14 -4.06 4.78
N SER A 201 -12.71 -3.57 3.59
CA SER A 201 -12.06 -2.27 3.42
C SER A 201 -13.05 -1.11 3.54
N ARG A 202 -14.36 -1.38 3.34
CA ARG A 202 -15.42 -0.38 3.43
C ARG A 202 -15.59 0.12 4.88
N SER A 203 -15.41 -0.78 5.87
CA SER A 203 -15.54 -0.49 7.30
C SER A 203 -14.22 -0.01 7.96
N ARG A 204 -13.15 0.18 7.15
CA ARG A 204 -11.83 0.62 7.61
C ARG A 204 -11.81 2.01 8.25
N VAL A 205 -10.84 2.24 9.15
CA VAL A 205 -10.61 3.51 9.84
C VAL A 205 -9.29 4.07 9.28
N HIS A 206 -9.38 5.11 8.42
CA HIS A 206 -8.18 5.69 7.82
C HIS A 206 -7.40 6.55 8.79
N GLY A 207 -6.08 6.62 8.57
CA GLY A 207 -5.14 7.37 9.38
C GLY A 207 -5.27 8.88 9.20
N ILE A 208 -4.13 9.58 9.26
CA ILE A 208 -4.14 11.04 9.12
C ILE A 208 -3.97 11.48 7.68
N ASP A 209 -4.61 12.60 7.33
CA ASP A 209 -4.52 13.23 6.02
C ASP A 209 -3.25 14.08 6.03
N CYS A 210 -2.11 13.48 5.64
CA CYS A 210 -0.79 14.12 5.61
C CYS A 210 -0.71 15.36 4.70
N SER A 211 -1.68 15.52 3.78
CA SER A 211 -1.78 16.67 2.89
C SER A 211 -2.28 17.89 3.70
N PHE A 212 -2.95 17.63 4.85
CA PHE A 212 -3.47 18.64 5.77
C PHE A 212 -2.52 18.85 6.96
N TRP A 213 -2.25 17.79 7.73
CA TRP A 213 -1.40 17.82 8.92
C TRP A 213 0.10 17.88 8.56
N ASN A 214 0.62 19.10 8.33
CA ASN A 214 2.03 19.37 7.98
C ASN A 214 2.47 20.82 8.31
N GLU A 215 3.78 21.04 8.39
CA GLU A 215 4.43 22.30 8.77
C GLU A 215 4.31 23.44 7.73
N SER A 216 4.09 23.11 6.44
CA SER A 216 3.98 24.07 5.33
C SER A 216 2.99 25.22 5.58
N TYR A 217 1.83 24.91 6.19
CA TYR A 217 0.76 25.85 6.52
C TYR A 217 1.17 26.95 7.51
N LEU A 218 2.06 26.61 8.47
CA LEU A 218 2.56 27.51 9.50
C LEU A 218 3.51 28.58 8.93
N THR A 219 3.52 29.78 9.55
CA THR A 219 4.39 30.89 9.16
C THR A 219 5.37 31.30 10.25
N GLY A 220 6.62 31.52 9.86
CA GLY A 220 7.70 31.93 10.75
C GLY A 220 8.31 30.82 11.59
N SER A 221 8.81 31.21 12.76
CA SER A 221 9.46 30.32 13.73
C SER A 221 8.46 29.87 14.79
N ARG A 222 8.72 28.69 15.40
CA ARG A 222 7.88 28.14 16.46
C ARG A 222 7.90 29.08 17.68
N ASP A 223 9.08 29.64 18.03
CA ASP A 223 9.27 30.60 19.11
C ASP A 223 8.38 31.82 18.88
N GLU A 224 8.30 32.28 17.61
CA GLU A 224 7.51 33.42 17.16
C GLU A 224 6.01 33.12 17.29
N ARG A 225 5.56 31.96 16.79
CA ARG A 225 4.16 31.52 16.86
C ARG A 225 3.67 31.31 18.29
N LYS A 226 4.54 30.75 19.16
CA LYS A 226 4.26 30.47 20.58
C LYS A 226 4.09 31.78 21.37
N LYS A 227 4.95 32.79 21.09
CA LYS A 227 4.89 34.11 21.73
C LYS A 227 3.59 34.82 21.31
N SER A 228 3.24 34.71 20.01
CA SER A 228 2.02 35.29 19.41
C SER A 228 0.75 34.67 20.00
N LEU A 229 0.75 33.34 20.16
CA LEU A 229 -0.37 32.57 20.70
C LEU A 229 -0.60 32.87 22.17
N LEU A 230 0.48 32.92 22.97
CA LEU A 230 0.40 33.20 24.40
C LEU A 230 -0.10 34.61 24.69
N SER A 231 0.34 35.61 23.90
CA SER A 231 -0.12 37.00 24.02
C SER A 231 -1.59 37.14 23.61
N LYS A 232 -2.07 36.31 22.66
CA LYS A 232 -3.46 36.28 22.18
C LYS A 232 -4.40 35.88 23.32
N PHE A 233 -3.95 34.93 24.17
CA PHE A 233 -4.69 34.46 25.33
C PHE A 233 -4.31 35.26 26.60
N GLY A 234 -3.59 36.37 26.40
CA GLY A 234 -3.12 37.27 27.44
C GLY A 234 -2.30 36.56 28.50
N MET A 235 -1.13 36.03 28.09
CA MET A 235 -0.24 35.23 28.93
C MET A 235 1.24 35.49 28.61
N ASP A 236 2.10 35.34 29.64
CA ASP A 236 3.55 35.52 29.53
C ASP A 236 4.19 34.34 28.77
N GLU A 237 5.47 34.50 28.38
CA GLU A 237 6.25 33.49 27.68
C GLU A 237 6.71 32.43 28.69
N GLY A 238 6.40 31.17 28.38
CA GLY A 238 6.75 30.01 29.20
C GLY A 238 6.54 28.70 28.48
N VAL A 239 6.77 27.57 29.19
CA VAL A 239 6.60 26.21 28.62
C VAL A 239 5.10 25.94 28.54
N THR A 240 4.59 25.85 27.30
CA THR A 240 3.17 25.68 26.99
C THR A 240 2.75 24.21 26.85
N PHE A 241 1.73 23.85 27.63
CA PHE A 241 1.10 22.54 27.67
C PHE A 241 -0.35 22.71 27.20
N MET A 242 -0.75 21.91 26.20
CA MET A 242 -2.07 22.02 25.60
C MET A 242 -2.88 20.73 25.64
N PHE A 243 -4.18 20.86 25.96
CA PHE A 243 -5.14 19.76 25.95
C PHE A 243 -6.26 20.10 24.98
N ILE A 244 -6.65 19.12 24.17
CA ILE A 244 -7.72 19.25 23.19
C ILE A 244 -8.57 17.98 23.18
N GLY A 245 -9.88 18.16 23.35
CA GLY A 245 -10.83 17.04 23.37
C GLY A 245 -12.03 17.25 24.26
N ARG A 246 -13.04 16.37 24.10
CA ARG A 246 -14.31 16.38 24.83
C ARG A 246 -14.10 16.30 26.34
N PHE A 247 -14.80 17.16 27.09
CA PHE A 247 -14.72 17.17 28.55
C PHE A 247 -15.67 16.12 29.10
N ASP A 248 -15.17 14.87 29.22
CA ASP A 248 -15.92 13.71 29.70
C ASP A 248 -15.26 13.04 30.91
N ARG A 249 -15.99 12.10 31.54
CA ARG A 249 -15.55 11.33 32.71
C ARG A 249 -15.21 9.90 32.29
N GLY A 250 -15.34 9.63 30.99
CA GLY A 250 -15.15 8.29 30.42
C GLY A 250 -13.87 7.96 29.71
N GLN A 251 -13.50 8.71 28.65
CA GLN A 251 -12.32 8.31 27.88
C GLN A 251 -11.30 9.41 27.55
N LYS A 252 -11.71 10.67 27.29
CA LYS A 252 -10.72 11.71 26.95
C LYS A 252 -9.92 12.19 28.17
N GLY A 253 -10.55 12.08 29.35
CA GLY A 253 -9.98 12.36 30.67
C GLY A 253 -9.39 13.73 30.96
N VAL A 254 -10.22 14.78 30.94
CA VAL A 254 -9.78 16.14 31.31
C VAL A 254 -9.61 16.22 32.84
N ASP A 255 -10.39 15.40 33.59
CA ASP A 255 -10.36 15.33 35.06
C ASP A 255 -9.01 14.92 35.62
N VAL A 256 -8.21 14.10 34.86
CA VAL A 256 -6.86 13.72 35.27
C VAL A 256 -5.97 14.96 35.20
N LEU A 257 -5.93 15.63 34.03
CA LEU A 257 -5.16 16.86 33.80
C LEU A 257 -5.57 17.97 34.78
N LEU A 258 -6.89 18.12 35.04
CA LEU A 258 -7.43 19.12 35.99
C LEU A 258 -6.91 18.89 37.41
N LYS A 259 -6.87 17.61 37.84
CA LYS A 259 -6.35 17.17 39.13
C LYS A 259 -4.83 17.30 39.16
N ALA A 260 -4.17 17.07 38.01
CA ALA A 260 -2.71 17.18 37.84
C ALA A 260 -2.24 18.64 37.97
N ILE A 261 -3.01 19.61 37.39
CA ILE A 261 -2.70 21.05 37.48
C ILE A 261 -2.79 21.47 38.96
N GLU A 262 -3.77 20.93 39.71
CA GLU A 262 -3.98 21.18 41.14
C GLU A 262 -2.78 20.73 41.98
N ILE A 263 -2.19 19.56 41.67
CA ILE A 263 -1.00 19.05 42.36
C ILE A 263 0.20 19.99 42.06
N LEU A 264 0.33 20.39 40.78
CA LEU A 264 1.39 21.29 40.31
C LEU A 264 1.29 22.71 40.83
N SER A 265 0.06 23.21 41.10
CA SER A 265 -0.21 24.57 41.60
C SER A 265 0.38 24.85 42.99
N SER A 266 0.74 23.78 43.73
CA SER A 266 1.35 23.81 45.05
C SER A 266 2.89 23.80 44.96
N LYS A 267 3.44 23.49 43.76
CA LYS A 267 4.88 23.39 43.48
C LYS A 267 5.54 24.75 43.14
N LYS A 268 6.90 24.78 43.16
CA LYS A 268 7.70 25.97 42.85
C LYS A 268 7.98 26.07 41.34
N GLU A 269 7.56 25.05 40.58
CA GLU A 269 7.76 24.96 39.13
C GLU A 269 6.56 25.47 38.33
N PHE A 270 5.40 25.61 39.00
CA PHE A 270 4.13 26.05 38.40
C PHE A 270 4.22 27.33 37.59
N GLN A 271 4.95 28.35 38.11
CA GLN A 271 5.12 29.66 37.45
C GLN A 271 5.85 29.58 36.10
N GLU A 272 6.62 28.50 35.87
CA GLU A 272 7.35 28.27 34.62
C GLU A 272 6.47 27.59 33.56
N MET A 273 5.31 27.03 33.99
CA MET A 273 4.36 26.31 33.15
C MET A 273 3.24 27.19 32.61
N ARG A 274 2.65 26.79 31.48
CA ARG A 274 1.53 27.46 30.81
C ARG A 274 0.55 26.37 30.35
N PHE A 275 -0.75 26.59 30.58
CA PHE A 275 -1.76 25.60 30.22
C PHE A 275 -2.90 26.15 29.38
N ILE A 276 -3.22 25.45 28.29
CA ILE A 276 -4.35 25.77 27.41
C ILE A 276 -5.24 24.52 27.40
N ILE A 277 -6.48 24.66 27.89
CA ILE A 277 -7.43 23.56 28.01
C ILE A 277 -8.61 23.84 27.08
N ILE A 278 -8.69 23.08 25.97
CA ILE A 278 -9.75 23.27 24.97
C ILE A 278 -10.67 22.06 24.89
N GLY A 279 -11.97 22.34 24.88
CA GLY A 279 -13.03 21.33 24.80
C GLY A 279 -14.22 21.66 25.68
N LYS A 280 -15.35 20.97 25.43
CA LYS A 280 -16.60 21.15 26.16
C LYS A 280 -17.32 19.81 26.35
N GLY A 281 -18.23 19.77 27.33
CA GLY A 281 -19.02 18.58 27.64
C GLY A 281 -19.67 18.65 29.01
N ASP A 282 -19.01 18.06 30.02
CA ASP A 282 -19.45 18.01 31.41
C ASP A 282 -19.38 19.41 32.05
N PRO A 283 -20.52 20.01 32.46
CA PRO A 283 -20.51 21.37 33.05
C PRO A 283 -19.73 21.48 34.37
N GLU A 284 -19.71 20.39 35.16
CA GLU A 284 -18.99 20.31 36.43
C GLU A 284 -17.48 20.38 36.17
N LEU A 285 -17.01 19.70 35.09
CA LEU A 285 -15.61 19.68 34.66
C LEU A 285 -15.22 21.01 34.00
N GLU A 286 -16.17 21.66 33.28
CA GLU A 286 -15.98 22.96 32.63
C GLU A 286 -15.82 24.05 33.68
N GLY A 287 -16.61 23.97 34.76
CA GLY A 287 -16.57 24.89 35.88
C GLY A 287 -15.28 24.80 36.68
N TRP A 288 -14.71 23.57 36.77
CA TRP A 288 -13.44 23.24 37.44
C TRP A 288 -12.31 23.89 36.66
N ALA A 289 -12.34 23.75 35.33
CA ALA A 289 -11.37 24.35 34.42
C ALA A 289 -11.46 25.88 34.54
N ARG A 290 -12.71 26.42 34.53
CA ARG A 290 -12.98 27.84 34.69
C ARG A 290 -12.51 28.37 36.06
N SER A 291 -12.54 27.51 37.11
CA SER A 291 -12.10 27.87 38.46
C SER A 291 -10.59 28.11 38.50
N LEU A 292 -9.82 27.15 37.95
CA LEU A 292 -8.36 27.17 37.87
C LEU A 292 -7.85 28.32 36.98
N GLU A 293 -8.66 28.73 35.98
CA GLU A 293 -8.36 29.84 35.07
C GLU A 293 -8.39 31.16 35.86
N GLU A 294 -9.32 31.27 36.84
CA GLU A 294 -9.50 32.44 37.72
C GLU A 294 -8.40 32.48 38.78
N LYS A 295 -8.10 31.32 39.38
CA LYS A 295 -7.08 31.17 40.42
C LYS A 295 -5.68 31.37 39.86
N HIS A 296 -5.40 30.85 38.65
CA HIS A 296 -4.05 30.93 38.09
C HIS A 296 -4.00 31.63 36.72
N GLY A 297 -3.10 32.62 36.62
CA GLY A 297 -2.86 33.41 35.43
C GLY A 297 -2.17 32.67 34.29
N ASN A 298 -1.56 31.50 34.62
CA ASN A 298 -0.85 30.64 33.67
C ASN A 298 -1.77 29.54 33.10
N VAL A 299 -3.05 29.54 33.50
CA VAL A 299 -4.05 28.57 33.03
C VAL A 299 -5.10 29.29 32.17
N LYS A 300 -5.36 28.79 30.95
CA LYS A 300 -6.34 29.32 29.99
C LYS A 300 -7.29 28.19 29.58
N VAL A 301 -8.59 28.50 29.54
CA VAL A 301 -9.64 27.53 29.18
C VAL A 301 -10.54 28.09 28.06
N ILE A 302 -10.73 27.28 27.00
CA ILE A 302 -11.59 27.58 25.86
C ILE A 302 -12.65 26.47 25.83
N THR A 303 -13.84 26.77 26.41
CA THR A 303 -14.94 25.81 26.53
C THR A 303 -15.78 25.68 25.23
N GLU A 304 -15.16 25.10 24.20
CA GLU A 304 -15.75 24.82 22.88
C GLU A 304 -14.88 23.89 22.05
N MET A 305 -15.49 23.17 21.09
CA MET A 305 -14.77 22.27 20.20
C MET A 305 -14.38 23.06 18.97
N LEU A 306 -13.08 23.37 18.84
CA LEU A 306 -12.54 24.16 17.74
C LEU A 306 -12.19 23.31 16.50
N SER A 307 -12.29 23.94 15.30
CA SER A 307 -12.00 23.32 14.00
C SER A 307 -10.52 23.00 13.84
N ARG A 308 -10.22 21.88 13.17
CA ARG A 308 -8.87 21.33 12.94
C ARG A 308 -7.85 22.31 12.34
N GLU A 309 -8.31 23.30 11.54
CA GLU A 309 -7.44 24.29 10.89
C GLU A 309 -6.70 25.17 11.92
N PHE A 310 -7.37 25.50 13.05
CA PHE A 310 -6.77 26.28 14.14
C PHE A 310 -5.97 25.35 15.06
N VAL A 311 -6.45 24.10 15.25
CA VAL A 311 -5.79 23.07 16.06
C VAL A 311 -4.42 22.75 15.43
N ARG A 312 -4.34 22.77 14.07
CA ARG A 312 -3.11 22.59 13.30
C ARG A 312 -2.12 23.71 13.65
N GLU A 313 -2.61 24.97 13.77
CA GLU A 313 -1.79 26.13 14.15
C GLU A 313 -1.29 25.98 15.58
N LEU A 314 -2.17 25.54 16.50
CA LEU A 314 -1.87 25.31 17.91
C LEU A 314 -0.79 24.26 18.10
N TYR A 315 -0.90 23.09 17.39
CA TYR A 315 0.08 22.00 17.46
C TYR A 315 1.46 22.48 17.02
N GLY A 316 1.51 23.31 15.98
CA GLY A 316 2.74 23.89 15.45
C GLY A 316 3.20 25.16 16.13
N SER A 317 2.75 25.40 17.40
CA SER A 317 3.09 26.57 18.24
C SER A 317 3.45 26.15 19.68
N VAL A 318 2.57 25.35 20.34
CA VAL A 318 2.76 24.87 21.71
C VAL A 318 3.96 23.93 21.83
N ASP A 319 4.53 23.80 23.04
CA ASP A 319 5.68 22.92 23.28
C ASP A 319 5.23 21.46 23.38
N PHE A 320 4.25 21.19 24.26
CA PHE A 320 3.76 19.83 24.50
C PHE A 320 2.24 19.70 24.35
N VAL A 321 1.78 18.46 24.10
CA VAL A 321 0.36 18.11 23.99
C VAL A 321 0.08 16.96 24.94
N ILE A 322 -0.77 17.23 25.96
CA ILE A 322 -1.15 16.26 26.98
C ILE A 322 -2.37 15.48 26.48
N ILE A 323 -2.24 14.15 26.39
CA ILE A 323 -3.33 13.26 25.96
C ILE A 323 -3.63 12.31 27.15
N PRO A 324 -4.43 12.77 28.16
CA PRO A 324 -4.72 11.90 29.32
C PRO A 324 -5.87 10.92 29.10
N SER A 325 -5.87 10.24 27.95
CA SER A 325 -6.91 9.29 27.56
C SER A 325 -7.00 8.05 28.45
N TYR A 326 -8.22 7.73 28.91
CA TYR A 326 -8.51 6.52 29.69
C TYR A 326 -8.51 5.37 28.70
N PHE A 327 -9.16 5.59 27.54
CA PHE A 327 -9.29 4.66 26.43
C PHE A 327 -9.05 5.42 25.11
N GLU A 328 -8.08 4.92 24.32
CA GLU A 328 -7.69 5.47 23.02
C GLU A 328 -7.26 4.30 22.12
N PRO A 329 -8.09 3.89 21.12
CA PRO A 329 -7.69 2.74 20.31
C PRO A 329 -6.73 3.04 19.17
N PHE A 330 -6.86 4.21 18.52
CA PHE A 330 -6.04 4.60 17.36
C PHE A 330 -5.05 5.73 17.68
N GLY A 331 -5.54 6.81 18.27
CA GLY A 331 -4.71 7.94 18.68
C GLY A 331 -4.18 8.79 17.54
N LEU A 332 -5.10 9.30 16.68
CA LEU A 332 -4.77 10.19 15.56
C LEU A 332 -4.26 11.53 16.08
N VAL A 333 -4.83 11.99 17.22
CA VAL A 333 -4.49 13.22 17.95
C VAL A 333 -2.96 13.29 18.22
N ALA A 334 -2.33 12.16 18.58
CA ALA A 334 -0.90 12.05 18.83
C ALA A 334 -0.12 12.30 17.55
N LEU A 335 -0.49 11.59 16.46
CA LEU A 335 0.12 11.69 15.13
C LEU A 335 -0.03 13.08 14.53
N GLU A 336 -1.22 13.68 14.69
CA GLU A 336 -1.54 15.03 14.21
C GLU A 336 -0.63 16.05 14.89
N ALA A 337 -0.49 15.96 16.24
CA ALA A 337 0.37 16.84 17.03
C ALA A 337 1.84 16.62 16.70
N MET A 338 2.27 15.35 16.59
CA MET A 338 3.65 14.98 16.28
C MET A 338 4.14 15.51 14.93
N CYS A 339 3.25 15.53 13.91
CA CYS A 339 3.56 16.03 12.57
C CYS A 339 3.82 17.54 12.54
N LEU A 340 3.31 18.27 13.54
CA LEU A 340 3.51 19.71 13.62
C LEU A 340 4.58 20.09 14.64
N GLY A 341 5.33 19.09 15.10
CA GLY A 341 6.42 19.25 16.04
C GLY A 341 6.05 19.26 17.51
N ALA A 342 4.77 19.04 17.85
CA ALA A 342 4.35 19.01 19.26
C ALA A 342 4.76 17.67 19.89
N ILE A 343 5.29 17.72 21.11
CA ILE A 343 5.74 16.52 21.84
C ILE A 343 4.60 15.97 22.69
N PRO A 344 4.18 14.70 22.49
CA PRO A 344 3.07 14.17 23.29
C PRO A 344 3.46 13.65 24.69
N ILE A 345 2.65 14.04 25.69
CA ILE A 345 2.71 13.55 27.07
C ILE A 345 1.38 12.81 27.18
N ALA A 346 1.38 11.52 26.82
CA ALA A 346 0.15 10.73 26.79
C ALA A 346 0.13 9.51 27.68
N SER A 347 -1.09 8.99 27.94
CA SER A 347 -1.33 7.78 28.72
C SER A 347 -0.85 6.57 27.91
N ALA A 348 -0.30 5.55 28.58
CA ALA A 348 0.18 4.31 27.95
C ALA A 348 -1.03 3.39 27.67
N VAL A 349 -1.87 3.79 26.68
CA VAL A 349 -3.10 3.08 26.30
C VAL A 349 -3.17 2.88 24.78
N GLY A 350 -3.76 1.74 24.38
CA GLY A 350 -3.97 1.34 23.00
C GLY A 350 -2.98 1.84 21.98
N GLY A 351 -3.47 2.65 21.04
CA GLY A 351 -2.70 3.24 19.95
C GLY A 351 -1.53 4.10 20.37
N LEU A 352 -1.71 4.89 21.46
CA LEU A 352 -0.69 5.78 22.01
C LEU A 352 0.54 4.97 22.44
N ARG A 353 0.29 3.82 23.10
CA ARG A 353 1.29 2.83 23.57
C ARG A 353 2.18 2.35 22.40
N ASP A 354 1.62 2.34 21.17
CA ASP A 354 2.29 1.93 19.94
C ASP A 354 3.04 3.08 19.24
N ILE A 355 2.37 4.25 19.07
CA ILE A 355 2.92 5.44 18.38
C ILE A 355 4.13 6.05 19.10
N ILE A 356 4.03 6.24 20.44
CA ILE A 356 5.08 6.87 21.26
C ILE A 356 6.13 5.87 21.77
N THR A 357 7.42 6.26 21.67
CA THR A 357 8.59 5.52 22.15
C THR A 357 9.32 6.40 23.20
N ASN A 358 10.55 6.02 23.61
CA ASN A 358 11.34 6.81 24.57
C ASN A 358 11.87 8.11 23.93
N GLU A 359 12.14 8.05 22.61
CA GLU A 359 12.68 9.17 21.83
C GLU A 359 11.62 10.09 21.22
N THR A 360 10.32 9.68 21.25
CA THR A 360 9.24 10.46 20.64
C THR A 360 8.11 10.89 21.63
N GLY A 361 8.45 11.11 22.90
CA GLY A 361 7.49 11.57 23.89
C GLY A 361 7.49 10.83 25.21
N ILE A 362 6.72 11.37 26.17
CA ILE A 362 6.58 10.84 27.53
C ILE A 362 5.27 10.05 27.69
N LEU A 363 5.36 8.81 28.20
CA LEU A 363 4.19 7.96 28.45
C LEU A 363 3.94 7.79 29.94
N VAL A 364 2.66 7.88 30.36
CA VAL A 364 2.23 7.77 31.77
C VAL A 364 1.12 6.74 31.99
N LYS A 365 0.84 6.37 33.25
CA LYS A 365 -0.23 5.45 33.58
C LYS A 365 -1.55 6.23 33.53
N ALA A 366 -2.55 5.69 32.82
CA ALA A 366 -3.87 6.33 32.69
C ALA A 366 -4.62 6.34 34.02
N GLY A 367 -5.25 7.47 34.32
CA GLY A 367 -6.03 7.66 35.53
C GLY A 367 -5.20 7.90 36.78
N ASP A 368 -3.99 8.47 36.60
CA ASP A 368 -3.09 8.79 37.71
C ASP A 368 -2.59 10.25 37.59
N PRO A 369 -3.28 11.19 38.27
CA PRO A 369 -2.88 12.61 38.20
C PRO A 369 -1.49 12.89 38.79
N GLY A 370 -1.03 12.00 39.66
CA GLY A 370 0.29 12.08 40.29
C GLY A 370 1.41 11.83 39.30
N GLU A 371 1.25 10.80 38.45
CA GLU A 371 2.24 10.47 37.43
C GLU A 371 2.27 11.48 36.29
N LEU A 372 1.09 12.05 35.95
CA LEU A 372 0.94 13.06 34.90
C LEU A 372 1.61 14.37 35.35
N ALA A 373 1.52 14.69 36.65
CA ALA A 373 2.14 15.88 37.23
C ALA A 373 3.66 15.76 37.13
N ASN A 374 4.22 14.57 37.48
CA ASN A 374 5.65 14.28 37.42
C ASN A 374 6.17 14.37 35.98
N ALA A 375 5.36 13.90 35.01
CA ALA A 375 5.66 13.93 33.58
C ALA A 375 5.76 15.36 33.07
N ILE A 376 4.83 16.25 33.52
CA ILE A 376 4.83 17.68 33.19
C ILE A 376 6.12 18.32 33.78
N LEU A 377 6.55 17.83 34.96
CA LEU A 377 7.78 18.27 35.63
C LEU A 377 9.02 17.82 34.85
N LYS A 378 8.99 16.59 34.28
CA LYS A 378 10.09 16.04 33.47
C LYS A 378 10.23 16.85 32.18
N ALA A 379 9.07 17.22 31.57
CA ALA A 379 8.96 18.04 30.36
C ALA A 379 9.56 19.44 30.59
N LEU A 380 9.41 19.99 31.81
CA LEU A 380 9.95 21.29 32.20
C LEU A 380 11.48 21.26 32.26
N GLU A 381 12.06 20.14 32.75
CA GLU A 381 13.52 19.96 32.82
C GLU A 381 14.11 19.77 31.43
N LEU A 382 13.32 19.20 30.50
CA LEU A 382 13.70 18.98 29.10
C LEU A 382 13.74 20.29 28.30
N SER A 383 13.13 21.37 28.85
CA SER A 383 13.09 22.69 28.23
C SER A 383 14.49 23.34 28.15
N ARG A 384 15.13 23.15 26.99
CA ARG A 384 16.46 23.62 26.58
C ARG A 384 16.59 23.46 25.05
N SER A 385 17.84 23.51 24.51
CA SER A 385 18.11 23.33 23.07
C SER A 385 17.71 21.94 22.58
N ASP A 386 17.65 20.95 23.50
CA ASP A 386 17.31 19.54 23.26
C ASP A 386 15.90 19.34 22.70
N LEU A 387 15.02 20.36 22.80
CA LEU A 387 13.64 20.28 22.30
C LEU A 387 13.57 20.20 20.77
N SER A 388 14.42 20.96 20.05
CA SER A 388 14.47 20.97 18.58
C SER A 388 14.76 19.59 17.97
N LYS A 389 15.73 18.84 18.56
CA LYS A 389 16.08 17.49 18.10
C LYS A 389 14.99 16.46 18.48
N PHE A 390 14.28 16.72 19.59
CA PHE A 390 13.18 15.90 20.09
C PHE A 390 11.98 16.04 19.14
N ARG A 391 11.69 17.29 18.70
CA ARG A 391 10.59 17.63 17.77
C ARG A 391 10.77 16.95 16.42
N GLU A 392 12.04 16.88 15.93
CA GLU A 392 12.42 16.25 14.66
C GLU A 392 12.15 14.74 14.70
N ASN A 393 12.32 14.11 15.88
CA ASN A 393 12.06 12.68 16.09
C ASN A 393 10.56 12.43 16.01
N CYS A 394 9.75 13.35 16.59
CA CYS A 394 8.28 13.31 16.62
C CYS A 394 7.71 13.42 15.22
N LYS A 395 8.36 14.21 14.33
CA LYS A 395 7.95 14.40 12.94
C LYS A 395 8.19 13.09 12.17
N LYS A 396 9.45 12.59 12.20
CA LYS A 396 9.90 11.37 11.53
C LYS A 396 9.09 10.12 11.92
N ARG A 397 8.82 9.92 13.23
CA ARG A 397 8.06 8.78 13.76
C ARG A 397 6.61 8.79 13.26
N ALA A 398 5.91 9.94 13.40
CA ALA A 398 4.51 10.08 12.98
C ALA A 398 4.33 9.91 11.48
N MET A 399 5.28 10.44 10.68
CA MET A 399 5.26 10.35 9.22
C MET A 399 5.51 8.92 8.73
N SER A 400 6.48 8.20 9.34
CA SER A 400 6.79 6.81 8.99
C SER A 400 5.63 5.89 9.39
N PHE A 401 5.04 6.11 10.58
CA PHE A 401 3.90 5.36 11.12
C PHE A 401 2.67 5.50 10.20
N SER A 402 2.38 6.73 9.75
CA SER A 402 1.25 7.01 8.86
C SER A 402 1.45 6.42 7.46
N GLN A 403 2.73 6.32 7.02
CA GLN A 403 3.17 5.76 5.74
C GLN A 403 2.92 4.24 5.69
N MET A 404 2.88 3.56 6.87
CA MET A 404 2.66 2.12 7.01
C MET A 404 1.25 1.68 6.58
N ALA A 405 0.21 2.45 7.00
CA ALA A 405 -1.19 2.16 6.66
C ALA A 405 -1.50 2.52 5.19
N ALA A 406 -0.80 3.54 4.65
CA ALA A 406 -0.98 4.02 3.27
C ALA A 406 -0.40 3.05 2.24
N ARG A 407 0.75 2.41 2.55
CA ARG A 407 1.44 1.48 1.64
C ARG A 407 0.74 0.11 1.53
N GLU A 408 0.06 -0.35 2.60
CA GLU A 408 -0.64 -1.64 2.61
C GLU A 408 -1.85 -1.63 1.69
N ARG A 409 -2.68 -0.56 1.74
CA ARG A 409 -3.86 -0.41 0.87
C ARG A 409 -3.42 -0.17 -0.58
N LYS A 410 -2.22 0.44 -0.76
CA LYS A 410 -1.60 0.74 -2.06
C LYS A 410 -1.24 -0.55 -2.78
N VAL A 411 -0.73 -1.56 -2.04
CA VAL A 411 -0.35 -2.87 -2.54
C VAL A 411 -1.62 -3.60 -3.04
N THR A 412 -2.69 -3.62 -2.21
CA THR A 412 -3.99 -4.23 -2.52
C THR A 412 -4.62 -3.57 -3.75
N ARG A 413 -4.45 -2.24 -3.90
CA ARG A 413 -4.94 -1.46 -5.03
C ARG A 413 -4.20 -1.83 -6.33
N THR A 414 -2.87 -2.11 -6.24
CA THR A 414 -2.02 -2.48 -7.37
C THR A 414 -2.42 -3.86 -7.93
N ILE A 415 -2.56 -4.87 -7.03
CA ILE A 415 -2.95 -6.25 -7.37
C ILE A 415 -4.35 -6.29 -8.04
N PHE A 416 -5.29 -5.42 -7.60
CA PHE A 416 -6.60 -5.33 -8.23
C PHE A 416 -6.46 -4.79 -9.67
N ALA A 417 -5.61 -3.75 -9.86
CA ALA A 417 -5.32 -3.15 -11.16
C ALA A 417 -4.66 -4.16 -12.13
N ILE A 418 -3.82 -5.06 -11.60
CA ILE A 418 -3.14 -6.12 -12.36
C ILE A 418 -4.16 -7.22 -12.74
N LEU A 419 -5.10 -7.54 -11.82
CA LEU A 419 -6.17 -8.52 -12.05
C LEU A 419 -7.13 -7.97 -13.11
N LEU A 420 -7.46 -6.66 -13.01
CA LEU A 420 -8.33 -5.96 -13.95
C LEU A 420 -7.71 -5.98 -15.34
N ALA A 421 -6.41 -5.66 -15.43
CA ALA A 421 -5.62 -5.66 -16.67
C ALA A 421 -5.68 -7.05 -17.29
N PHE A 422 -5.45 -8.11 -16.47
CA PHE A 422 -5.49 -9.51 -16.85
C PHE A 422 -6.87 -9.92 -17.41
N ILE A 423 -7.98 -9.54 -16.73
CA ILE A 423 -9.34 -9.86 -17.18
C ILE A 423 -9.64 -9.22 -18.55
N LEU A 424 -9.41 -7.90 -18.68
CA LEU A 424 -9.66 -7.14 -19.91
C LEU A 424 -8.86 -7.59 -21.15
N THR A 425 -7.68 -8.19 -20.94
CA THR A 425 -6.78 -8.64 -22.02
C THR A 425 -7.00 -10.09 -22.47
N TRP A 426 -7.42 -10.98 -21.55
CA TRP A 426 -7.59 -12.40 -21.87
C TRP A 426 -9.05 -12.80 -22.13
N THR A 427 -10.04 -11.97 -21.72
CA THR A 427 -11.46 -12.27 -21.99
C THR A 427 -11.75 -12.35 -23.50
N PRO A 428 -11.24 -11.45 -24.39
CA PRO A 428 -11.54 -11.59 -25.83
C PRO A 428 -11.13 -12.95 -26.40
N TYR A 429 -9.92 -13.43 -26.09
CA TYR A 429 -9.43 -14.74 -26.56
C TYR A 429 -10.25 -15.91 -25.99
N ASN A 430 -10.52 -15.89 -24.67
CA ASN A 430 -11.28 -16.91 -23.97
C ASN A 430 -12.75 -16.95 -24.41
N VAL A 431 -13.32 -15.78 -24.79
CA VAL A 431 -14.70 -15.71 -25.27
C VAL A 431 -14.74 -16.17 -26.74
N MET A 432 -13.62 -16.01 -27.50
CA MET A 432 -13.48 -16.48 -28.89
C MET A 432 -13.44 -18.00 -28.89
N VAL A 433 -12.73 -18.60 -27.91
CA VAL A 433 -12.60 -20.04 -27.68
C VAL A 433 -14.00 -20.62 -27.38
N LEU A 434 -14.79 -19.88 -26.57
CA LEU A 434 -16.18 -20.21 -26.21
C LEU A 434 -17.09 -20.19 -27.46
N VAL A 435 -16.93 -19.18 -28.35
CA VAL A 435 -17.69 -19.04 -29.59
C VAL A 435 -17.34 -20.19 -30.56
N ASN A 436 -16.05 -20.60 -30.59
CA ASN A 436 -15.50 -21.67 -31.43
C ASN A 436 -16.09 -23.06 -31.15
N THR A 437 -16.56 -23.30 -29.89
CA THR A 437 -17.15 -24.56 -29.43
C THR A 437 -18.40 -24.93 -30.24
N PHE A 438 -19.27 -23.94 -30.50
CA PHE A 438 -20.51 -24.12 -31.26
C PHE A 438 -20.45 -23.57 -32.68
N CYS A 439 -19.76 -22.44 -32.88
CA CYS A 439 -19.64 -21.79 -34.19
C CYS A 439 -18.21 -21.66 -34.68
N GLN A 440 -17.83 -22.54 -35.62
CA GLN A 440 -16.51 -22.55 -36.26
C GLN A 440 -16.60 -21.69 -37.52
N SER A 441 -15.57 -20.84 -37.75
CA SER A 441 -15.47 -19.85 -38.84
C SER A 441 -16.51 -18.72 -38.65
N CYS A 442 -16.83 -18.45 -37.37
CA CYS A 442 -17.73 -17.40 -36.92
C CYS A 442 -16.90 -16.14 -36.74
N ILE A 443 -15.64 -16.33 -36.33
CA ILE A 443 -14.65 -15.28 -36.07
C ILE A 443 -13.62 -15.23 -37.21
N PRO A 444 -13.42 -14.05 -37.86
CA PRO A 444 -12.39 -13.96 -38.92
C PRO A 444 -10.99 -14.05 -38.33
N ASP A 445 -10.01 -14.50 -39.14
CA ASP A 445 -8.60 -14.67 -38.78
C ASP A 445 -7.96 -13.38 -38.24
N THR A 446 -8.39 -12.21 -38.77
CA THR A 446 -7.92 -10.89 -38.34
C THR A 446 -8.37 -10.60 -36.91
N VAL A 447 -9.65 -10.91 -36.59
CA VAL A 447 -10.24 -10.72 -35.25
C VAL A 447 -9.56 -11.65 -34.22
N TRP A 448 -9.23 -12.89 -34.64
CA TRP A 448 -8.52 -13.89 -33.80
C TRP A 448 -7.15 -13.36 -33.40
N SER A 449 -6.41 -12.73 -34.36
CA SER A 449 -5.08 -12.15 -34.18
C SER A 449 -5.07 -11.02 -33.15
N ILE A 450 -6.17 -10.21 -33.11
CA ILE A 450 -6.37 -9.11 -32.15
C ILE A 450 -6.46 -9.74 -30.75
N GLY A 451 -7.19 -10.86 -30.67
CA GLY A 451 -7.38 -11.62 -29.44
C GLY A 451 -6.07 -12.19 -28.92
N TYR A 452 -5.22 -12.72 -29.83
CA TYR A 452 -3.91 -13.28 -29.51
C TYR A 452 -2.94 -12.21 -29.03
N TRP A 453 -2.91 -11.05 -29.73
CA TRP A 453 -2.04 -9.92 -29.39
C TRP A 453 -2.39 -9.26 -28.06
N LEU A 454 -3.70 -9.20 -27.71
CA LEU A 454 -4.18 -8.62 -26.44
C LEU A 454 -3.64 -9.38 -25.24
N CYS A 455 -3.49 -10.72 -25.38
CA CYS A 455 -2.93 -11.61 -24.36
C CYS A 455 -1.46 -11.29 -24.13
N TYR A 456 -0.77 -10.85 -25.20
CA TYR A 456 0.64 -10.46 -25.16
C TYR A 456 0.77 -9.05 -24.57
N VAL A 457 -0.16 -8.13 -24.90
CA VAL A 457 -0.18 -6.74 -24.42
C VAL A 457 -0.28 -6.69 -22.88
N ASN A 458 -0.88 -7.73 -22.24
CA ASN A 458 -1.00 -7.85 -20.78
C ASN A 458 0.38 -7.81 -20.11
N SER A 459 1.40 -8.40 -20.77
CA SER A 459 2.78 -8.41 -20.30
C SER A 459 3.40 -7.02 -20.37
N THR A 460 3.00 -6.20 -21.35
CA THR A 460 3.52 -4.85 -21.53
C THR A 460 2.90 -3.84 -20.55
N ILE A 461 1.60 -4.02 -20.20
CA ILE A 461 0.86 -3.09 -19.33
C ILE A 461 1.03 -3.39 -17.83
N ARG A 462 1.58 -4.57 -17.45
CA ARG A 462 1.84 -4.88 -16.04
C ARG A 462 2.90 -3.94 -15.43
N PRO A 463 4.07 -3.63 -16.10
CA PRO A 463 5.02 -2.67 -15.53
C PRO A 463 4.40 -1.28 -15.32
N ALA A 464 3.52 -0.86 -16.27
CA ALA A 464 2.78 0.40 -16.25
C ALA A 464 1.85 0.49 -15.03
N CYS A 465 1.34 -0.67 -14.56
CA CYS A 465 0.49 -0.77 -13.36
C CYS A 465 1.30 -0.45 -12.10
N TYR A 466 2.59 -0.85 -12.06
CA TYR A 466 3.46 -0.60 -10.91
C TYR A 466 3.85 0.86 -10.80
N ALA A 467 4.04 1.55 -11.94
CA ALA A 467 4.37 2.97 -12.00
C ALA A 467 3.18 3.84 -11.58
N LEU A 468 1.96 3.47 -12.05
CA LEU A 468 0.71 4.19 -11.78
C LEU A 468 0.18 4.00 -10.37
N CYS A 469 0.15 2.74 -9.87
CA CYS A 469 -0.38 2.42 -8.54
C CYS A 469 0.65 2.54 -7.41
N ASN A 470 1.95 2.72 -7.74
CA ASN A 470 3.01 2.88 -6.74
C ASN A 470 4.01 3.98 -7.11
N ALA A 471 4.08 5.03 -6.26
CA ALA A 471 4.96 6.19 -6.44
C ALA A 471 6.44 5.84 -6.33
N GLU A 472 6.81 4.88 -5.46
CA GLU A 472 8.19 4.43 -5.27
C GLU A 472 8.77 3.77 -6.53
N PHE A 473 7.91 3.05 -7.30
CA PHE A 473 8.29 2.39 -8.55
C PHE A 473 8.50 3.42 -9.68
N LYS A 474 7.57 4.40 -9.80
CA LYS A 474 7.60 5.45 -10.82
C LYS A 474 8.88 6.29 -10.76
N LYS A 475 9.34 6.62 -9.53
CA LYS A 475 10.54 7.41 -9.26
C LYS A 475 11.82 6.65 -9.61
N THR A 476 11.95 5.39 -9.14
CA THR A 476 13.13 4.54 -9.37
C THR A 476 13.23 4.08 -10.85
N PHE A 477 12.13 4.13 -11.62
CA PHE A 477 12.12 3.80 -13.05
C PHE A 477 12.93 4.86 -13.81
N ARG A 478 12.79 6.13 -13.41
CA ARG A 478 13.50 7.29 -13.98
C ARG A 478 14.97 7.25 -13.55
N HIS A 479 15.24 6.77 -12.31
CA HIS A 479 16.58 6.62 -11.74
C HIS A 479 17.39 5.54 -12.47
N LEU A 480 16.72 4.50 -12.98
CA LEU A 480 17.36 3.39 -13.71
C LEU A 480 17.69 3.75 -15.15
N LEU A 481 16.82 4.57 -15.79
CA LEU A 481 17.01 5.05 -17.17
C LEU A 481 18.10 6.13 -17.22
N LEU A 482 18.34 6.80 -16.06
CA LEU A 482 19.37 7.84 -15.83
C LEU A 482 20.77 7.30 -16.14
N CYS A 483 21.05 6.03 -15.75
CA CYS A 483 22.32 5.33 -15.95
C CYS A 483 22.71 5.17 -17.44
N GLN A 484 21.70 5.03 -18.32
CA GLN A 484 21.81 4.87 -19.79
C GLN A 484 22.61 3.62 -20.19
#